data_6MN8
#
_entry.id   6MN8
#
_cell.length_a   159.720
_cell.length_b   159.720
_cell.length_c   143.720
_cell.angle_alpha   90.000
_cell.angle_beta   90.000
_cell.angle_gamma   120.000
#
_symmetry.space_group_name_H-M   'H 3 2'
#
loop_
_entity.id
_entity.type
_entity.pdbx_description
1 polymer 'Uncharacterized protein'
2 non-polymer 'MAGNESIUM ION'
3 non-polymer 7-bromo-6-chloro-3-{3-[(2R,3S)-3-hydroxypiperidin-2-yl]-2-oxopropyl}quinazolin-4(3H)-one
4 non-polymer 'PHOSPHOAMINOPHOSPHONIC ACID-ADENYLATE ESTER'
5 non-polymer 'ADENOSINE MONOPHOSPHATE'
6 non-polymer 'IMIDODIPHOSPHORIC ACID'
7 non-polymer GLYCINE
8 non-polymer SERINE
9 water water
#
_entity_poly.entity_id   1
_entity_poly.type   'polypeptide(L)'
_entity_poly.pdbx_seq_one_letter_code
;MAHHHHHHIEISKDENYSEWYVQVITKAEMIEYYDISGCYVLRPWSYAIWEFIQEWFDEEIKKLGVKNCYFPLFVSQSAL
EKEKTHISDFAPEVAWITRAGQSDLAEAIAIRPTSETVMYPSYAKWVQSHRDLPIKLNQWCNVVRWEFKHPTPFLRTREF
LWQEGHTAFQSKDEAEDEVFKILDLYAQIYIDLLAIPVIKGRKTEKENFAGGDFTATVEAYVPVNGRGIQGATSHHLGQN
FSKMFNISFEDPNGGGKIYAWQNSWGISTRTIGALVMIHGDNCGLVLPPRVATIQMIIVPVGINAQTKDEQKTALIEKAK
EINNKLMDASIRAELDIRDHISPGWKFNHWELKGVPVRIEIGPKDLANNQVTCVIRYSGEKRTIPIDGLASKCKDMLEEI
HYSMYNRILEVRESHTKIVLEWNDFRSFLDQKFILLSPFCGRIECEDEIKKESMRGEENDPQAPAMGAKTLCIPLEQPEI
PLPTNCINKNCPEKPQFFALFGRSY
;
_entity_poly.pdbx_strand_id   A
#
loop_
_chem_comp.id
_chem_comp.type
_chem_comp.name
_chem_comp.formula
2PN non-polymer 'IMIDODIPHOSPHORIC ACID' 'H5 N O6 P2'
AMP non-polymer 'ADENOSINE MONOPHOSPHATE' 'C10 H14 N5 O7 P'
ANP non-polymer 'PHOSPHOAMINOPHOSPHONIC ACID-ADENYLATE ESTER' 'C10 H17 N6 O12 P3'
HFG non-polymer 7-bromo-6-chloro-3-{3-[(2R,3S)-3-hydroxypiperidin-2-yl]-2-oxopropyl}quinazolin-4(3H)-one 'C16 H17 Br Cl N3 O3'
MG non-polymer 'MAGNESIUM ION' 'Mg 2'
#
# COMPACT_ATOMS: atom_id res chain seq x y z
N ALA A 2 -28.22 9.57 -4.74
CA ALA A 2 -27.31 8.46 -4.44
C ALA A 2 -26.32 8.80 -3.32
N HIS A 3 -25.68 9.97 -3.39
CA HIS A 3 -24.62 10.32 -2.44
C HIS A 3 -25.14 10.35 -1.01
N HIS A 4 -26.26 11.05 -0.77
CA HIS A 4 -26.81 11.22 0.55
C HIS A 4 -27.79 10.10 0.94
N HIS A 5 -27.72 8.96 0.26
CA HIS A 5 -28.55 7.80 0.54
C HIS A 5 -27.72 6.69 1.14
N HIS A 6 -28.40 5.79 1.84
CA HIS A 6 -27.73 4.63 2.40
C HIS A 6 -27.29 3.69 1.28
N HIS A 7 -26.26 2.90 1.58
CA HIS A 7 -25.71 2.00 0.57
C HIS A 7 -25.34 0.66 1.19
N HIS A 8 -25.52 -0.38 0.38
CA HIS A 8 -25.37 -1.78 0.76
C HIS A 8 -24.36 -2.42 -0.18
N ILE A 9 -23.48 -3.25 0.36
CA ILE A 9 -22.76 -4.20 -0.48
C ILE A 9 -23.79 -5.17 -1.06
N GLU A 10 -23.86 -5.24 -2.38
CA GLU A 10 -25.01 -5.90 -3.00
C GLU A 10 -24.82 -7.39 -3.21
N ILE A 11 -23.63 -7.94 -2.98
CA ILE A 11 -23.43 -9.38 -3.11
C ILE A 11 -22.39 -9.83 -2.10
N SER A 12 -22.57 -11.03 -1.59
CA SER A 12 -21.75 -11.54 -0.50
C SER A 12 -20.36 -11.95 -0.99
N LYS A 13 -19.37 -11.70 -0.15
CA LYS A 13 -17.99 -12.11 -0.42
C LYS A 13 -17.89 -13.60 -0.70
N ASP A 14 -18.62 -14.41 0.07
CA ASP A 14 -18.57 -15.86 -0.03
C ASP A 14 -19.41 -16.42 -1.16
N GLU A 15 -20.20 -15.58 -1.83
CA GLU A 15 -21.02 -15.98 -2.95
C GLU A 15 -20.36 -15.67 -4.30
N ASN A 16 -19.83 -14.46 -4.46
CA ASN A 16 -19.14 -14.06 -5.69
C ASN A 16 -18.12 -12.98 -5.31
N TYR A 17 -16.89 -13.42 -5.00
CA TYR A 17 -15.92 -12.49 -4.43
C TYR A 17 -15.44 -11.49 -5.47
N SER A 18 -15.46 -11.84 -6.75
CA SER A 18 -15.04 -10.89 -7.76
C SER A 18 -16.04 -9.73 -7.88
N GLU A 19 -17.34 -10.04 -7.87
CA GLU A 19 -18.33 -8.96 -7.88
C GLU A 19 -18.38 -8.25 -6.53
N TRP A 20 -18.24 -9.01 -5.43
CA TRP A 20 -18.15 -8.37 -4.11
C TRP A 20 -17.01 -7.37 -4.07
N TYR A 21 -15.87 -7.73 -4.68
CA TYR A 21 -14.69 -6.85 -4.67
C TYR A 21 -14.99 -5.51 -5.34
N VAL A 22 -15.66 -5.55 -6.48
CA VAL A 22 -16.03 -4.32 -7.19
C VAL A 22 -16.96 -3.47 -6.35
N GLN A 23 -17.93 -4.10 -5.68
CA GLN A 23 -18.83 -3.36 -4.78
C GLN A 23 -18.05 -2.60 -3.72
N VAL A 24 -17.14 -3.27 -3.02
CA VAL A 24 -16.41 -2.64 -1.92
C VAL A 24 -15.56 -1.48 -2.43
N ILE A 25 -14.79 -1.69 -3.50
CA ILE A 25 -13.85 -0.63 -3.87
C ILE A 25 -14.60 0.58 -4.43
N THR A 26 -15.78 0.36 -5.04
CA THR A 26 -16.54 1.50 -5.51
C THR A 26 -17.31 2.17 -4.38
N LYS A 27 -18.05 1.38 -3.57
CA LYS A 27 -18.85 2.01 -2.53
C LYS A 27 -18.02 2.58 -1.39
N ALA A 28 -16.78 2.12 -1.19
CA ALA A 28 -15.90 2.75 -0.22
C ALA A 28 -15.12 3.93 -0.81
N GLU A 29 -15.53 4.42 -2.00
CA GLU A 29 -14.92 5.59 -2.64
C GLU A 29 -13.41 5.42 -2.84
N MET A 30 -12.99 4.20 -3.19
CA MET A 30 -11.57 3.98 -3.39
C MET A 30 -11.09 4.28 -4.80
N ILE A 31 -11.89 3.95 -5.82
CA ILE A 31 -11.48 4.11 -7.22
C ILE A 31 -12.62 4.66 -8.06
N GLU A 32 -12.25 5.13 -9.24
CA GLU A 32 -13.16 5.42 -10.33
C GLU A 32 -12.67 4.61 -11.53
N TYR A 33 -13.59 3.98 -12.27
CA TYR A 33 -13.20 3.38 -13.54
C TYR A 33 -12.93 4.48 -14.57
N TYR A 34 -12.01 4.19 -15.49
CA TYR A 34 -11.51 5.18 -16.44
C TYR A 34 -11.70 4.62 -17.84
N ASP A 35 -11.81 5.51 -18.84
CA ASP A 35 -12.14 4.98 -20.16
C ASP A 35 -10.94 4.36 -20.88
N ILE A 36 -9.73 4.44 -20.33
CA ILE A 36 -8.63 3.62 -20.84
C ILE A 36 -8.60 2.37 -19.96
N SER A 37 -8.78 1.21 -20.59
CA SER A 37 -9.04 -0.02 -19.87
C SER A 37 -7.86 -0.41 -18.97
N GLY A 38 -8.18 -0.95 -17.80
CA GLY A 38 -7.13 -1.38 -16.90
C GLY A 38 -6.41 -0.28 -16.18
N CYS A 39 -6.87 0.96 -16.30
CA CYS A 39 -6.41 2.08 -15.50
C CYS A 39 -7.57 2.54 -14.63
N TYR A 40 -7.26 2.91 -13.38
CA TYR A 40 -8.28 3.25 -12.40
C TYR A 40 -7.83 4.48 -11.63
N VAL A 41 -8.77 5.43 -11.45
CA VAL A 41 -8.51 6.58 -10.61
C VAL A 41 -8.29 6.13 -9.17
N LEU A 42 -7.26 6.64 -8.53
CA LEU A 42 -7.08 6.42 -7.11
C LEU A 42 -7.66 7.63 -6.38
N ARG A 43 -8.87 7.47 -5.85
CA ARG A 43 -9.50 8.51 -5.05
C ARG A 43 -8.77 8.67 -3.73
N PRO A 44 -8.94 9.81 -3.05
CA PRO A 44 -8.18 10.05 -1.80
C PRO A 44 -8.28 8.93 -0.79
N TRP A 45 -9.45 8.31 -0.65
CA TRP A 45 -9.60 7.28 0.38
C TRP A 45 -8.67 6.10 0.15
N SER A 46 -8.39 5.74 -1.11
CA SER A 46 -7.41 4.67 -1.33
C SER A 46 -5.99 5.22 -1.47
N TYR A 47 -5.83 6.42 -2.05
CA TYR A 47 -4.48 6.95 -2.22
C TYR A 47 -3.79 7.22 -0.88
N ALA A 48 -4.55 7.63 0.15
CA ALA A 48 -3.97 7.83 1.48
C ALA A 48 -3.33 6.56 2.02
N ILE A 49 -3.86 5.39 1.69
CA ILE A 49 -3.25 4.14 2.14
C ILE A 49 -1.86 3.97 1.55
N TRP A 50 -1.72 4.26 0.25
CA TRP A 50 -0.42 4.22 -0.40
C TRP A 50 0.54 5.23 0.22
N GLU A 51 0.04 6.42 0.54
CA GLU A 51 0.89 7.42 1.20
C GLU A 51 1.45 6.90 2.53
N PHE A 52 0.63 6.21 3.34
CA PHE A 52 1.15 5.64 4.59
C PHE A 52 2.24 4.60 4.31
N ILE A 53 2.05 3.76 3.30
CA ILE A 53 3.04 2.74 2.98
C ILE A 53 4.32 3.40 2.50
N GLN A 54 4.16 4.41 1.64
CA GLN A 54 5.27 5.18 1.10
C GLN A 54 6.09 5.83 2.20
N GLU A 55 5.41 6.53 3.10
CA GLU A 55 6.09 7.23 4.20
C GLU A 55 6.85 6.24 5.08
N TRP A 56 6.25 5.09 5.40
CA TRP A 56 6.91 4.11 6.26
C TRP A 56 8.14 3.51 5.57
N PHE A 57 7.95 2.94 4.37
CA PHE A 57 9.05 2.26 3.68
C PHE A 57 10.16 3.24 3.33
N ASP A 58 9.81 4.48 2.94
CA ASP A 58 10.83 5.47 2.61
C ASP A 58 11.74 5.73 3.81
N GLU A 59 11.18 5.73 5.01
CA GLU A 59 12.00 5.95 6.19
C GLU A 59 12.93 4.77 6.44
N GLU A 60 12.45 3.54 6.19
CA GLU A 60 13.24 2.35 6.48
C GLU A 60 14.42 2.21 5.52
N ILE A 61 14.20 2.41 4.21
CA ILE A 61 15.30 2.24 3.28
C ILE A 61 16.33 3.37 3.42
N LYS A 62 15.90 4.56 3.83
CA LYS A 62 16.88 5.61 4.11
C LYS A 62 17.83 5.19 5.22
N LYS A 63 17.33 4.45 6.23
CA LYS A 63 18.23 3.94 7.26
C LYS A 63 19.27 2.98 6.69
N LEU A 64 18.97 2.33 5.57
CA LEU A 64 19.92 1.42 4.91
C LEU A 64 20.84 2.14 3.94
N GLY A 65 20.77 3.47 3.86
CA GLY A 65 21.60 4.22 2.94
C GLY A 65 21.01 4.48 1.57
N VAL A 66 19.77 4.08 1.31
CA VAL A 66 19.18 4.28 -0.01
C VAL A 66 18.76 5.74 -0.16
N LYS A 67 19.06 6.31 -1.33
CA LYS A 67 18.67 7.68 -1.68
C LYS A 67 17.66 7.66 -2.81
N ASN A 68 16.74 8.60 -2.78
CA ASN A 68 15.73 8.70 -3.83
C ASN A 68 16.27 9.48 -5.03
N CYS A 69 15.75 9.16 -6.20
CA CYS A 69 16.11 9.82 -7.45
C CYS A 69 14.89 9.75 -8.36
N TYR A 70 15.04 10.22 -9.60
CA TYR A 70 13.96 10.06 -10.58
C TYR A 70 14.53 9.92 -11.99
N PHE A 71 14.39 8.73 -12.60
CA PHE A 71 14.80 8.46 -13.97
C PHE A 71 13.61 8.61 -14.92
N PRO A 72 13.87 8.71 -16.22
CA PRO A 72 12.78 9.05 -17.16
C PRO A 72 11.76 7.93 -17.36
N LEU A 73 10.56 8.38 -17.77
CA LEU A 73 9.45 7.52 -18.15
C LEU A 73 9.73 6.71 -19.41
N PHE A 74 10.64 7.17 -20.27
CA PHE A 74 10.81 6.69 -21.63
C PHE A 74 12.04 5.80 -21.75
N VAL A 75 11.91 4.76 -22.57
CA VAL A 75 13.06 3.96 -22.96
C VAL A 75 12.94 3.63 -24.44
N SER A 76 14.00 3.91 -25.20
CA SER A 76 13.98 3.66 -26.62
C SER A 76 13.86 2.16 -26.88
N GLN A 77 13.24 1.82 -28.02
CA GLN A 77 12.98 0.42 -28.35
C GLN A 77 14.25 -0.43 -28.26
N SER A 78 15.33 0.01 -28.90
CA SER A 78 16.52 -0.83 -28.94
C SER A 78 17.15 -0.97 -27.55
N ALA A 79 17.02 0.04 -26.69
CA ALA A 79 17.52 -0.08 -25.32
C ALA A 79 16.68 -1.04 -24.49
N LEU A 80 15.35 -1.04 -24.68
CA LEU A 80 14.51 -2.01 -23.99
C LEU A 80 14.84 -3.43 -24.42
N GLU A 81 15.04 -3.64 -25.71
CA GLU A 81 15.25 -4.98 -26.27
C GLU A 81 16.66 -5.52 -26.07
N LYS A 82 17.44 -4.96 -25.14
CA LYS A 82 18.64 -5.66 -24.67
C LYS A 82 18.18 -6.86 -23.85
N GLU A 83 17.52 -6.59 -22.72
CA GLU A 83 16.83 -7.60 -21.91
C GLU A 83 15.88 -6.94 -20.93
N PHE A 90 7.71 -10.93 -22.84
CA PHE A 90 7.46 -9.63 -22.23
C PHE A 90 6.98 -8.57 -23.25
N ALA A 91 7.48 -8.66 -24.48
CA ALA A 91 7.19 -7.66 -25.51
C ALA A 91 5.70 -7.35 -25.68
N PRO A 92 4.77 -8.33 -25.65
CA PRO A 92 3.34 -7.97 -25.75
C PRO A 92 2.79 -7.25 -24.53
N GLU A 93 3.62 -6.59 -23.73
CA GLU A 93 3.15 -5.84 -22.57
C GLU A 93 3.62 -4.38 -22.58
N VAL A 94 4.08 -3.86 -23.70
CA VAL A 94 4.70 -2.55 -23.77
C VAL A 94 3.78 -1.57 -24.50
N ALA A 95 3.65 -0.36 -23.96
CA ALA A 95 2.99 0.74 -24.66
C ALA A 95 4.04 1.55 -25.43
N TRP A 96 3.75 1.82 -26.71
CA TRP A 96 4.72 2.38 -27.65
C TRP A 96 4.29 3.75 -28.10
N ILE A 97 5.16 4.74 -27.91
CA ILE A 97 5.00 6.06 -28.53
C ILE A 97 5.64 6.02 -29.89
N THR A 98 4.89 6.40 -30.92
CA THR A 98 5.40 6.41 -32.28
C THR A 98 5.31 7.78 -32.93
N ARG A 99 4.63 8.72 -32.28
CA ARG A 99 4.47 10.07 -32.80
C ARG A 99 4.49 11.03 -31.62
N ALA A 100 5.14 12.16 -31.80
CA ALA A 100 5.27 13.13 -30.73
C ALA A 100 5.39 14.50 -31.37
N GLY A 101 4.64 15.46 -30.86
CA GLY A 101 4.67 16.78 -31.47
C GLY A 101 4.15 16.68 -32.89
N GLN A 102 4.97 17.10 -33.84
CA GLN A 102 4.55 17.17 -35.24
C GLN A 102 5.12 16.04 -36.11
N SER A 103 5.88 15.11 -35.55
CA SER A 103 6.64 14.17 -36.36
C SER A 103 6.46 12.75 -35.89
N ASP A 104 6.35 11.83 -36.84
CA ASP A 104 6.60 10.44 -36.53
C ASP A 104 8.05 10.27 -36.06
N LEU A 105 8.25 9.40 -35.08
CA LEU A 105 9.59 9.07 -34.62
C LEU A 105 10.19 8.03 -35.56
N ALA A 106 11.50 8.13 -35.78
CA ALA A 106 12.16 7.07 -36.56
C ALA A 106 12.22 5.77 -35.76
N GLU A 107 12.31 5.84 -34.43
CA GLU A 107 12.25 4.66 -33.59
C GLU A 107 11.22 4.89 -32.48
N ALA A 108 10.32 3.91 -32.31
CA ALA A 108 9.33 3.97 -31.25
C ALA A 108 9.98 4.05 -29.87
N ILE A 109 9.27 4.69 -28.94
CA ILE A 109 9.70 4.85 -27.56
C ILE A 109 8.71 4.10 -26.67
N ALA A 110 9.25 3.31 -25.74
CA ALA A 110 8.41 2.56 -24.81
C ALA A 110 8.18 3.34 -23.53
N ILE A 111 6.98 3.23 -22.97
CA ILE A 111 6.80 3.60 -21.56
C ILE A 111 7.44 2.53 -20.69
N ARG A 112 8.20 2.96 -19.68
CA ARG A 112 8.92 2.01 -18.85
C ARG A 112 7.96 0.98 -18.24
N PRO A 113 8.22 -0.32 -18.39
CA PRO A 113 7.51 -1.32 -17.57
C PRO A 113 8.26 -1.62 -16.29
N THR A 114 9.47 -1.08 -16.18
CA THR A 114 10.42 -1.23 -15.08
C THR A 114 11.69 -0.52 -15.58
N SER A 115 12.61 -0.14 -14.69
CA SER A 115 13.60 0.86 -15.09
C SER A 115 15.06 0.36 -15.17
N GLU A 116 15.31 -0.97 -15.13
CA GLU A 116 16.67 -1.49 -15.32
C GLU A 116 17.34 -0.91 -16.57
N THR A 117 16.70 -1.01 -17.73
CA THR A 117 17.33 -0.51 -18.96
C THR A 117 17.33 1.00 -19.04
N VAL A 118 16.63 1.71 -18.15
CA VAL A 118 16.70 3.16 -18.09
C VAL A 118 17.88 3.60 -17.23
N MET A 119 18.16 2.85 -16.17
CA MET A 119 19.08 3.27 -15.11
C MET A 119 20.50 2.77 -15.31
N TYR A 120 20.67 1.56 -15.82
CA TYR A 120 21.98 0.92 -15.71
C TYR A 120 23.04 1.50 -16.64
N PRO A 121 22.72 2.14 -17.78
CA PRO A 121 23.79 2.90 -18.47
C PRO A 121 24.40 3.98 -17.60
N SER A 122 23.59 4.64 -16.76
CA SER A 122 24.15 5.60 -15.81
C SER A 122 24.95 4.91 -14.70
N TYR A 123 24.48 3.76 -14.18
CA TYR A 123 25.28 3.03 -13.20
C TYR A 123 26.66 2.70 -13.75
N ALA A 124 26.73 2.31 -15.02
CA ALA A 124 28.02 1.97 -15.61
C ALA A 124 28.93 3.18 -15.65
N LYS A 125 28.38 4.35 -15.96
CA LYS A 125 29.19 5.56 -15.93
C LYS A 125 29.60 5.93 -14.51
N TRP A 126 28.72 5.76 -13.53
CA TRP A 126 29.06 6.21 -12.19
C TRP A 126 30.10 5.32 -11.50
N VAL A 127 30.23 4.05 -11.89
CA VAL A 127 31.15 3.13 -11.23
C VAL A 127 32.48 3.20 -11.97
N GLN A 128 33.39 4.01 -11.46
CA GLN A 128 34.75 4.06 -11.97
C GLN A 128 35.72 3.22 -11.15
N SER A 129 35.47 3.08 -9.85
CA SER A 129 36.32 2.27 -9.00
C SER A 129 35.45 1.70 -7.90
N HIS A 130 36.04 0.79 -7.11
CA HIS A 130 35.29 0.22 -6.00
C HIS A 130 34.90 1.28 -4.98
N ARG A 131 35.60 2.42 -4.94
CA ARG A 131 35.23 3.51 -4.03
C ARG A 131 33.89 4.13 -4.41
N ASP A 132 33.41 3.94 -5.63
CA ASP A 132 32.09 4.43 -5.98
C ASP A 132 30.96 3.50 -5.54
N LEU A 133 31.27 2.40 -4.90
CA LEU A 133 30.24 1.46 -4.51
C LEU A 133 30.16 1.40 -3.00
N PRO A 134 28.98 1.14 -2.42
CA PRO A 134 27.74 0.80 -3.13
C PRO A 134 26.98 2.00 -3.69
N ILE A 135 26.19 1.73 -4.75
CA ILE A 135 25.15 2.64 -5.22
C ILE A 135 23.83 2.09 -4.72
N LYS A 136 23.05 2.93 -4.03
CA LYS A 136 21.74 2.51 -3.51
C LYS A 136 20.73 3.59 -3.87
N LEU A 137 19.92 3.32 -4.89
CA LEU A 137 18.96 4.30 -5.38
C LEU A 137 17.58 3.68 -5.40
N ASN A 138 16.59 4.53 -5.16
CA ASN A 138 15.18 4.16 -5.17
C ASN A 138 14.43 5.25 -5.90
N GLN A 139 13.32 4.88 -6.55
CA GLN A 139 12.42 5.90 -7.08
C GLN A 139 10.98 5.47 -6.86
N TRP A 140 10.17 6.42 -6.38
CA TRP A 140 8.72 6.31 -6.36
C TRP A 140 8.18 6.81 -7.69
N CYS A 141 7.49 5.97 -8.44
CA CYS A 141 7.08 6.38 -9.78
C CYS A 141 5.97 5.49 -10.29
N ASN A 142 5.50 5.80 -11.50
CA ASN A 142 4.53 4.98 -12.21
C ASN A 142 5.23 4.16 -13.30
N VAL A 143 4.71 2.96 -13.56
CA VAL A 143 5.16 2.16 -14.69
C VAL A 143 3.92 1.66 -15.40
N VAL A 144 4.11 1.19 -16.63
CA VAL A 144 3.01 0.77 -17.49
C VAL A 144 3.35 -0.60 -18.08
N ARG A 145 2.43 -1.53 -17.92
CA ARG A 145 2.51 -2.85 -18.54
C ARG A 145 1.15 -3.13 -19.16
N TRP A 146 1.11 -3.36 -20.46
CA TRP A 146 -0.16 -3.62 -21.14
C TRP A 146 -0.54 -5.07 -20.87
N GLU A 147 -0.99 -5.31 -19.64
CA GLU A 147 -1.19 -6.66 -19.13
C GLU A 147 -2.21 -7.37 -20.03
N PHE A 148 -1.85 -8.58 -20.48
CA PHE A 148 -2.77 -9.35 -21.32
C PHE A 148 -3.75 -10.17 -20.49
N LYS A 149 -3.35 -10.67 -19.32
CA LYS A 149 -4.34 -11.22 -18.41
C LYS A 149 -5.33 -10.11 -18.04
N HIS A 150 -6.47 -10.50 -17.50
CA HIS A 150 -7.55 -9.53 -17.31
C HIS A 150 -7.20 -8.54 -16.19
N PRO A 151 -7.36 -7.24 -16.43
CA PRO A 151 -6.97 -6.27 -15.40
C PRO A 151 -7.96 -6.23 -14.26
N THR A 152 -7.44 -5.94 -13.07
CA THR A 152 -8.26 -5.89 -11.86
C THR A 152 -7.76 -4.66 -11.11
N PRO A 153 -8.66 -3.82 -10.60
CA PRO A 153 -8.22 -2.68 -9.78
C PRO A 153 -7.25 -3.11 -8.70
N PHE A 154 -6.20 -2.31 -8.51
CA PHE A 154 -5.12 -2.55 -7.56
C PHE A 154 -4.31 -3.80 -7.87
N LEU A 155 -4.96 -4.96 -8.01
CA LEU A 155 -4.23 -6.23 -8.08
C LEU A 155 -3.43 -6.32 -9.38
N ARG A 156 -4.05 -6.01 -10.52
CA ARG A 156 -3.34 -6.07 -11.80
C ARG A 156 -3.86 -4.94 -12.70
N THR A 157 -3.14 -3.82 -12.68
CA THR A 157 -3.51 -2.62 -13.41
C THR A 157 -2.45 -2.36 -14.48
N ARG A 158 -2.85 -1.63 -15.53
CA ARG A 158 -1.92 -1.40 -16.62
C ARG A 158 -1.00 -0.22 -16.35
N GLU A 159 -1.48 0.79 -15.65
CA GLU A 159 -0.60 1.73 -14.98
C GLU A 159 -0.69 1.44 -13.49
N PHE A 160 0.46 1.37 -12.82
CA PHE A 160 0.43 1.30 -11.37
C PHE A 160 1.59 2.11 -10.79
N LEU A 161 1.39 2.51 -9.55
CA LEU A 161 2.42 3.17 -8.77
C LEU A 161 3.20 2.13 -7.99
N TRP A 162 4.51 2.33 -7.89
CA TRP A 162 5.36 1.48 -7.07
C TRP A 162 6.55 2.31 -6.58
N GLN A 163 7.42 1.65 -5.84
CA GLN A 163 8.83 2.01 -5.78
C GLN A 163 9.64 0.88 -6.39
N GLU A 164 10.76 1.23 -7.00
CA GLU A 164 11.73 0.24 -7.41
C GLU A 164 13.09 0.71 -6.88
N GLY A 165 13.75 -0.16 -6.12
CA GLY A 165 15.10 0.11 -5.67
C GLY A 165 16.07 -0.66 -6.53
N HIS A 166 17.24 -0.07 -6.77
CA HIS A 166 18.27 -0.67 -7.63
C HIS A 166 19.61 -0.42 -6.98
N THR A 167 20.25 -1.50 -6.50
CA THR A 167 21.46 -1.36 -5.71
C THR A 167 22.59 -2.14 -6.38
N ALA A 168 23.82 -1.68 -6.15
CA ALA A 168 25.03 -2.28 -6.70
C ALA A 168 26.13 -2.28 -5.65
N PHE A 169 26.82 -3.42 -5.50
CA PHE A 169 27.81 -3.62 -4.44
C PHE A 169 29.12 -4.13 -5.04
N GLN A 170 30.18 -4.01 -4.25
CA GLN A 170 31.45 -4.55 -4.70
CA GLN A 170 31.49 -4.54 -4.63
C GLN A 170 31.58 -6.06 -4.42
N SER A 171 30.68 -6.65 -3.65
CA SER A 171 30.79 -8.07 -3.32
C SER A 171 29.42 -8.74 -3.29
N LYS A 172 29.41 -10.03 -3.63
CA LYS A 172 28.18 -10.82 -3.57
C LYS A 172 27.53 -10.76 -2.18
N ASP A 173 28.33 -10.86 -1.11
CA ASP A 173 27.76 -11.01 0.22
C ASP A 173 27.01 -9.76 0.66
N GLU A 174 27.54 -8.56 0.38
CA GLU A 174 26.79 -7.35 0.68
C GLU A 174 25.44 -7.35 -0.03
N ALA A 175 25.43 -7.72 -1.31
CA ALA A 175 24.20 -7.70 -2.10
C ALA A 175 23.19 -8.70 -1.55
N GLU A 176 23.66 -9.92 -1.28
CA GLU A 176 22.75 -10.94 -0.74
C GLU A 176 22.19 -10.51 0.60
N ASP A 177 23.00 -9.90 1.46
CA ASP A 177 22.49 -9.41 2.74
CA ASP A 177 22.48 -9.43 2.75
C ASP A 177 21.34 -8.43 2.55
N GLU A 178 21.50 -7.48 1.61
CA GLU A 178 20.44 -6.50 1.40
C GLU A 178 19.17 -7.12 0.82
N VAL A 179 19.30 -8.15 -0.02
CA VAL A 179 18.11 -8.78 -0.59
C VAL A 179 17.16 -9.20 0.52
N PHE A 180 17.69 -9.80 1.59
CA PHE A 180 16.85 -10.33 2.64
C PHE A 180 16.42 -9.27 3.63
N LYS A 181 17.21 -8.21 3.83
CA LYS A 181 16.73 -7.07 4.61
C LYS A 181 15.54 -6.41 3.93
N ILE A 182 15.64 -6.17 2.61
CA ILE A 182 14.51 -5.58 1.88
C ILE A 182 13.30 -6.50 1.96
N LEU A 183 13.52 -7.80 1.74
CA LEU A 183 12.42 -8.74 1.79
C LEU A 183 11.70 -8.70 3.13
N ASP A 184 12.47 -8.58 4.21
CA ASP A 184 11.86 -8.49 5.53
C ASP A 184 11.10 -7.17 5.72
N LEU A 185 11.60 -6.08 5.15
CA LEU A 185 10.85 -4.83 5.18
C LEU A 185 9.52 -4.96 4.44
N TYR A 186 9.50 -5.70 3.34
CA TYR A 186 8.24 -5.95 2.63
C TYR A 186 7.30 -6.79 3.50
N ALA A 187 7.82 -7.82 4.15
CA ALA A 187 7.00 -8.60 5.07
C ALA A 187 6.42 -7.70 6.16
N GLN A 188 7.22 -6.78 6.69
CA GLN A 188 6.75 -5.87 7.73
C GLN A 188 5.62 -4.98 7.24
N ILE A 189 5.66 -4.55 5.97
CA ILE A 189 4.57 -3.76 5.41
C ILE A 189 3.26 -4.54 5.52
N TYR A 190 3.27 -5.78 5.07
CA TYR A 190 2.07 -6.59 5.15
C TYR A 190 1.69 -6.87 6.60
N ILE A 191 2.66 -7.31 7.41
CA ILE A 191 2.33 -7.80 8.75
C ILE A 191 2.05 -6.63 9.70
N ASP A 192 2.94 -5.65 9.74
CA ASP A 192 2.86 -4.59 10.75
C ASP A 192 2.10 -3.35 10.28
N LEU A 193 1.84 -3.19 8.98
CA LEU A 193 1.01 -2.08 8.53
C LEU A 193 -0.37 -2.52 8.08
N LEU A 194 -0.48 -3.65 7.37
CA LEU A 194 -1.75 -4.08 6.78
C LEU A 194 -2.39 -5.24 7.53
N ALA A 195 -1.76 -5.75 8.60
CA ALA A 195 -2.25 -6.88 9.39
C ALA A 195 -2.55 -8.10 8.52
N ILE A 196 -1.64 -8.39 7.58
CA ILE A 196 -1.78 -9.50 6.65
C ILE A 196 -0.60 -10.45 6.84
N PRO A 197 -0.82 -11.69 7.24
CA PRO A 197 0.30 -12.63 7.31
C PRO A 197 0.82 -12.98 5.92
N VAL A 198 2.13 -13.18 5.83
CA VAL A 198 2.80 -13.48 4.57
C VAL A 198 3.81 -14.58 4.79
N ILE A 199 4.14 -15.26 3.69
CA ILE A 199 5.22 -16.24 3.64
C ILE A 199 6.30 -15.69 2.73
N LYS A 200 7.56 -15.82 3.15
CA LYS A 200 8.71 -15.50 2.34
C LYS A 200 9.09 -16.73 1.53
N GLY A 201 9.36 -16.54 0.24
CA GLY A 201 9.68 -17.68 -0.60
C GLY A 201 10.62 -17.27 -1.71
N ARG A 202 11.28 -18.29 -2.29
CA ARG A 202 12.18 -18.10 -3.41
C ARG A 202 11.49 -18.62 -4.67
N LYS A 203 11.13 -17.70 -5.56
CA LYS A 203 10.53 -18.05 -6.85
C LYS A 203 11.60 -18.57 -7.79
N GLY A 211 15.76 -13.16 -15.19
CA GLY A 211 16.99 -12.48 -15.51
C GLY A 211 17.92 -12.24 -14.33
N GLY A 212 17.65 -12.92 -13.21
CA GLY A 212 18.47 -12.81 -12.02
C GLY A 212 19.13 -14.12 -11.62
N ASP A 213 19.84 -14.05 -10.49
CA ASP A 213 20.36 -15.27 -9.88
C ASP A 213 19.35 -15.89 -8.94
N PHE A 214 18.64 -15.09 -8.15
CA PHE A 214 17.48 -15.64 -7.45
C PHE A 214 16.49 -14.54 -7.13
N THR A 215 15.25 -14.96 -6.95
CA THR A 215 14.13 -14.04 -6.71
C THR A 215 13.41 -14.50 -5.47
N ALA A 216 13.10 -13.57 -4.58
CA ALA A 216 12.33 -13.85 -3.39
C ALA A 216 11.10 -12.94 -3.37
N THR A 217 9.97 -13.48 -2.94
CA THR A 217 8.73 -12.73 -2.82
C THR A 217 8.20 -12.88 -1.41
N VAL A 218 7.21 -12.05 -1.06
CA VAL A 218 6.31 -12.33 0.06
C VAL A 218 4.96 -12.65 -0.54
N GLU A 219 4.37 -13.75 -0.07
CA GLU A 219 3.09 -14.25 -0.56
C GLU A 219 2.04 -14.09 0.54
N ALA A 220 0.93 -13.46 0.19
CA ALA A 220 -0.18 -13.26 1.11
C ALA A 220 -1.30 -14.24 0.76
N TYR A 221 -1.64 -15.13 1.68
CA TYR A 221 -2.74 -16.05 1.46
C TYR A 221 -4.08 -15.33 1.51
N VAL A 222 -4.97 -15.65 0.57
CA VAL A 222 -6.29 -15.06 0.48
C VAL A 222 -7.35 -16.09 0.86
N PRO A 223 -7.91 -16.02 2.06
CA PRO A 223 -8.86 -17.07 2.53
C PRO A 223 -10.05 -17.36 1.61
N VAL A 224 -10.66 -16.34 0.99
CA VAL A 224 -11.94 -16.56 0.32
C VAL A 224 -11.80 -17.42 -0.94
N ASN A 225 -10.67 -17.38 -1.63
CA ASN A 225 -10.50 -18.22 -2.81
C ASN A 225 -9.33 -19.19 -2.71
N GLY A 226 -8.55 -19.16 -1.64
CA GLY A 226 -7.46 -20.09 -1.46
C GLY A 226 -6.21 -19.78 -2.25
N ARG A 227 -6.13 -18.63 -2.90
CA ARG A 227 -4.98 -18.30 -3.75
C ARG A 227 -4.00 -17.41 -2.98
N GLY A 228 -2.80 -17.28 -3.54
CA GLY A 228 -1.77 -16.44 -2.97
C GLY A 228 -1.49 -15.22 -3.83
N ILE A 229 -1.44 -14.07 -3.19
CA ILE A 229 -1.05 -12.81 -3.84
C ILE A 229 0.46 -12.64 -3.71
N GLN A 230 1.15 -12.56 -4.84
CA GLN A 230 2.56 -12.19 -4.83
C GLN A 230 2.68 -10.72 -4.44
N GLY A 231 3.02 -10.47 -3.17
CA GLY A 231 2.84 -9.13 -2.59
C GLY A 231 3.97 -8.14 -2.82
N ALA A 232 5.16 -8.62 -3.18
CA ALA A 232 6.33 -7.79 -3.42
C ALA A 232 7.41 -8.71 -3.94
N THR A 233 8.46 -8.12 -4.54
CA THR A 233 9.51 -8.93 -5.15
C THR A 233 10.89 -8.37 -4.82
N SER A 234 11.81 -9.23 -4.43
CA SER A 234 13.20 -8.86 -4.13
C SER A 234 14.13 -9.71 -5.00
N HIS A 235 14.85 -9.07 -5.92
CA HIS A 235 15.70 -9.78 -6.87
C HIS A 235 17.15 -9.65 -6.47
N HIS A 236 17.88 -10.76 -6.45
CA HIS A 236 19.34 -10.71 -6.53
C HIS A 236 19.74 -10.97 -7.97
N LEU A 237 20.28 -9.94 -8.62
CA LEU A 237 20.61 -10.05 -10.03
C LEU A 237 21.99 -10.66 -10.28
N GLY A 238 22.77 -10.89 -9.22
CA GLY A 238 24.14 -11.31 -9.40
C GLY A 238 24.89 -10.30 -10.24
N GLN A 239 25.69 -10.82 -11.18
CA GLN A 239 26.44 -10.02 -12.12
C GLN A 239 25.82 -10.01 -13.52
N ASN A 240 24.57 -10.48 -13.67
CA ASN A 240 23.97 -10.62 -14.99
C ASN A 240 23.78 -9.27 -15.68
N PHE A 241 23.28 -8.28 -14.94
CA PHE A 241 23.05 -6.97 -15.56
C PHE A 241 24.34 -6.15 -15.65
N SER A 242 25.26 -6.36 -14.70
CA SER A 242 26.49 -5.58 -14.71
C SER A 242 27.42 -6.04 -15.82
N LYS A 243 27.34 -7.32 -16.24
CA LYS A 243 28.04 -7.73 -17.47
C LYS A 243 27.34 -7.19 -18.70
N MET A 244 26.01 -7.16 -18.68
CA MET A 244 25.26 -6.64 -19.82
C MET A 244 25.59 -5.16 -20.05
N PHE A 245 25.60 -4.38 -18.98
CA PHE A 245 25.79 -2.93 -19.07
C PHE A 245 27.22 -2.49 -18.77
N ASN A 246 28.13 -3.42 -18.49
CA ASN A 246 29.52 -3.12 -18.15
C ASN A 246 29.62 -2.15 -16.97
N ILE A 247 29.02 -2.57 -15.87
CA ILE A 247 29.15 -1.89 -14.59
C ILE A 247 30.27 -2.61 -13.84
N SER A 248 31.47 -2.02 -13.83
CA SER A 248 32.65 -2.75 -13.40
C SER A 248 33.71 -1.81 -12.85
N PHE A 249 34.64 -2.39 -12.11
CA PHE A 249 35.74 -1.67 -11.49
C PHE A 249 36.94 -2.59 -11.43
N GLU A 250 38.11 -2.00 -11.25
CA GLU A 250 39.34 -2.77 -11.13
C GLU A 250 39.46 -3.35 -9.71
N ASP A 251 39.66 -4.66 -9.65
CA ASP A 251 39.82 -5.33 -8.36
C ASP A 251 41.08 -4.81 -7.66
N PRO A 252 40.98 -4.33 -6.42
CA PRO A 252 42.20 -3.90 -5.71
C PRO A 252 43.16 -5.04 -5.44
N ASN A 253 42.71 -6.29 -5.44
CA ASN A 253 43.53 -7.43 -5.05
C ASN A 253 44.10 -8.20 -6.25
N GLY A 254 44.18 -7.59 -7.42
CA GLY A 254 44.85 -8.23 -8.55
C GLY A 254 43.97 -9.00 -9.51
N GLY A 255 42.70 -9.27 -9.17
CA GLY A 255 41.82 -10.08 -10.00
C GLY A 255 41.37 -9.46 -11.32
N GLY A 256 41.73 -8.21 -11.61
CA GLY A 256 41.32 -7.60 -12.85
C GLY A 256 39.92 -7.01 -12.76
N LYS A 257 39.23 -6.97 -13.90
CA LYS A 257 37.90 -6.37 -14.00
C LYS A 257 36.87 -7.17 -13.17
N ILE A 258 36.18 -6.48 -12.27
CA ILE A 258 35.15 -7.07 -11.41
C ILE A 258 33.81 -6.43 -11.74
N TYR A 259 32.76 -7.23 -11.89
CA TYR A 259 31.44 -6.70 -12.20
C TYR A 259 30.62 -6.53 -10.93
N ALA A 260 29.90 -5.42 -10.85
CA ALA A 260 29.16 -5.11 -9.63
C ALA A 260 28.08 -6.16 -9.38
N TRP A 261 27.77 -6.38 -8.11
CA TRP A 261 26.73 -7.30 -7.69
C TRP A 261 25.47 -6.49 -7.39
N GLN A 262 24.38 -6.79 -8.09
CA GLN A 262 23.20 -5.94 -8.08
C GLN A 262 21.95 -6.65 -7.55
N ASN A 263 21.11 -5.87 -6.89
CA ASN A 263 19.73 -6.24 -6.58
C ASN A 263 18.79 -5.22 -7.19
N SER A 264 17.54 -5.63 -7.38
CA SER A 264 16.43 -4.70 -7.54
C SER A 264 15.23 -5.26 -6.80
N TRP A 265 14.32 -4.36 -6.41
CA TRP A 265 13.23 -4.78 -5.54
C TRP A 265 12.10 -3.78 -5.68
N GLY A 266 10.87 -4.25 -5.61
CA GLY A 266 9.71 -3.39 -5.80
C GLY A 266 8.46 -3.89 -5.11
N ILE A 267 7.64 -2.94 -4.65
CA ILE A 267 6.29 -3.19 -4.14
C ILE A 267 5.38 -2.12 -4.72
N SER A 268 4.12 -2.49 -4.99
CA SER A 268 3.20 -1.61 -5.71
C SER A 268 1.91 -1.37 -4.94
N THR A 269 1.00 -0.62 -5.58
CA THR A 269 -0.35 -0.44 -5.07
C THR A 269 -1.16 -1.74 -5.05
N ARG A 270 -0.61 -2.87 -5.53
CA ARG A 270 -1.27 -4.16 -5.29
C ARG A 270 -1.49 -4.41 -3.80
N THR A 271 -0.64 -3.83 -2.95
CA THR A 271 -0.83 -3.92 -1.49
C THR A 271 -2.26 -3.61 -1.09
N ILE A 272 -2.88 -2.61 -1.75
CA ILE A 272 -4.18 -2.14 -1.34
C ILE A 272 -5.26 -3.15 -1.73
N GLY A 273 -5.10 -3.80 -2.88
CA GLY A 273 -6.00 -4.89 -3.25
C GLY A 273 -5.94 -6.08 -2.30
N ALA A 274 -4.74 -6.43 -1.83
CA ALA A 274 -4.62 -7.50 -0.83
C ALA A 274 -5.40 -7.13 0.43
N LEU A 275 -5.25 -5.90 0.90
CA LEU A 275 -5.98 -5.41 2.06
C LEU A 275 -7.49 -5.57 1.88
N VAL A 276 -8.01 -5.19 0.70
CA VAL A 276 -9.44 -5.33 0.44
C VAL A 276 -9.84 -6.81 0.41
N MET A 277 -9.10 -7.62 -0.36
CA MET A 277 -9.45 -9.03 -0.50
C MET A 277 -9.43 -9.74 0.85
N ILE A 278 -8.47 -9.43 1.71
CA ILE A 278 -8.29 -10.22 2.92
C ILE A 278 -9.14 -9.71 4.07
N HIS A 279 -9.20 -8.40 4.30
CA HIS A 279 -9.93 -7.87 5.45
C HIS A 279 -11.32 -7.36 5.11
N GLY A 280 -11.64 -7.13 3.84
CA GLY A 280 -12.98 -6.70 3.50
C GLY A 280 -14.01 -7.72 3.94
N ASP A 281 -15.18 -7.22 4.32
CA ASP A 281 -16.28 -8.12 4.69
C ASP A 281 -17.56 -7.66 4.01
N ASN A 282 -18.70 -8.23 4.44
CA ASN A 282 -19.96 -7.96 3.76
C ASN A 282 -20.54 -6.61 4.09
N CYS A 283 -19.95 -5.86 5.03
CA CYS A 283 -20.35 -4.48 5.25
C CYS A 283 -19.46 -3.50 4.49
N GLY A 284 -18.40 -3.99 3.84
CA GLY A 284 -17.54 -3.17 3.01
C GLY A 284 -16.08 -3.25 3.45
N LEU A 285 -15.37 -2.14 3.26
CA LEU A 285 -13.96 -2.08 3.61
C LEU A 285 -13.77 -2.19 5.13
N VAL A 286 -12.63 -2.76 5.52
CA VAL A 286 -12.16 -2.70 6.91
C VAL A 286 -10.69 -2.26 6.87
N LEU A 287 -10.42 -1.06 7.39
CA LEU A 287 -9.08 -0.50 7.31
C LEU A 287 -8.21 -1.03 8.44
N PRO A 288 -7.03 -1.57 8.13
CA PRO A 288 -6.04 -1.80 9.18
C PRO A 288 -5.70 -0.46 9.83
N PRO A 289 -5.76 -0.37 11.16
CA PRO A 289 -5.68 0.95 11.81
C PRO A 289 -4.45 1.76 11.44
N ARG A 290 -3.30 1.11 11.20
CA ARG A 290 -2.08 1.88 10.97
C ARG A 290 -2.03 2.52 9.58
N VAL A 291 -2.92 2.16 8.66
CA VAL A 291 -2.99 2.83 7.37
C VAL A 291 -4.36 3.45 7.14
N ALA A 292 -5.12 3.72 8.22
CA ALA A 292 -6.44 4.32 8.11
C ALA A 292 -6.32 5.83 8.20
N THR A 293 -6.73 6.55 7.15
CA THR A 293 -6.60 8.00 7.18
C THR A 293 -7.47 8.61 8.27
N ILE A 294 -8.65 8.05 8.50
CA ILE A 294 -9.42 8.32 9.71
C ILE A 294 -9.42 7.04 10.52
N GLN A 295 -8.78 7.07 11.69
CA GLN A 295 -8.78 5.91 12.56
C GLN A 295 -10.05 5.85 13.41
N MET A 296 -10.55 7.00 13.84
CA MET A 296 -11.76 7.04 14.65
C MET A 296 -12.64 8.18 14.15
N ILE A 297 -13.93 7.88 13.94
CA ILE A 297 -14.90 8.87 13.49
C ILE A 297 -15.88 9.10 14.63
N ILE A 298 -16.12 10.37 14.96
CA ILE A 298 -16.94 10.76 16.10
C ILE A 298 -18.27 11.24 15.56
N VAL A 299 -19.36 10.62 16.01
CA VAL A 299 -20.69 10.85 15.46
C VAL A 299 -21.65 11.20 16.60
N PRO A 300 -22.21 12.41 16.62
CA PRO A 300 -23.26 12.72 17.61
C PRO A 300 -24.53 11.94 17.32
N VAL A 301 -25.12 11.38 18.37
CA VAL A 301 -26.32 10.56 18.23
C VAL A 301 -27.41 11.11 19.14
N GLY A 302 -28.63 10.67 18.87
CA GLY A 302 -29.78 11.02 19.71
C GLY A 302 -30.19 12.47 19.68
N ILE A 303 -30.13 13.10 18.51
CA ILE A 303 -30.57 14.49 18.39
C ILE A 303 -31.37 14.70 17.10
N THR A 307 -32.89 18.08 20.11
CA THR A 307 -33.96 19.04 20.38
C THR A 307 -33.42 20.37 20.91
N LYS A 308 -33.25 20.45 22.23
CA LYS A 308 -32.89 21.70 22.90
C LYS A 308 -31.64 22.35 22.31
N ASP A 309 -31.74 23.64 22.04
CA ASP A 309 -30.57 24.39 21.54
C ASP A 309 -29.44 24.35 22.54
N GLU A 310 -29.76 24.41 23.84
CA GLU A 310 -28.72 24.33 24.88
C GLU A 310 -28.07 22.96 24.93
N GLN A 311 -28.83 21.90 24.62
CA GLN A 311 -28.30 20.54 24.67
C GLN A 311 -27.45 20.23 23.44
N LYS A 312 -27.90 20.65 22.25
CA LYS A 312 -27.16 20.35 21.03
C LYS A 312 -25.79 21.01 21.04
N THR A 313 -25.69 22.22 21.61
CA THR A 313 -24.39 22.88 21.69
C THR A 313 -23.48 22.16 22.67
N ALA A 314 -23.98 21.87 23.88
CA ALA A 314 -23.18 21.19 24.89
C ALA A 314 -22.68 19.83 24.39
N LEU A 315 -23.46 19.18 23.53
CA LEU A 315 -23.06 17.88 23.02
C LEU A 315 -22.03 18.00 21.91
N ILE A 316 -22.23 18.93 20.97
CA ILE A 316 -21.23 19.13 19.93
C ILE A 316 -19.94 19.69 20.52
N GLU A 317 -20.06 20.56 21.52
CA GLU A 317 -18.87 21.12 22.16
C GLU A 317 -18.03 20.04 22.84
N LYS A 318 -18.69 19.07 23.48
CA LYS A 318 -17.97 17.97 24.11
C LYS A 318 -17.31 17.08 23.07
N ALA A 319 -17.98 16.87 21.94
CA ALA A 319 -17.39 16.09 20.85
C ALA A 319 -16.13 16.76 20.30
N LYS A 320 -16.15 18.09 20.16
CA LYS A 320 -14.94 18.81 19.75
C LYS A 320 -13.82 18.64 20.76
N GLU A 321 -14.15 18.67 22.06
CA GLU A 321 -13.15 18.43 23.09
C GLU A 321 -12.51 17.06 22.93
N ILE A 322 -13.34 16.02 22.84
CA ILE A 322 -12.83 14.66 22.64
C ILE A 322 -11.96 14.59 21.38
N ASN A 323 -12.43 15.19 20.29
CA ASN A 323 -11.67 15.15 19.04
C ASN A 323 -10.28 15.75 19.24
N ASN A 324 -10.20 16.90 19.90
CA ASN A 324 -8.90 17.51 20.15
C ASN A 324 -8.03 16.64 21.06
N LYS A 325 -8.63 16.03 22.09
CA LYS A 325 -7.85 15.19 22.99
C LYS A 325 -7.34 13.93 22.29
N LEU A 326 -8.09 13.41 21.33
CA LEU A 326 -7.59 12.25 20.59
C LEU A 326 -6.45 12.64 19.65
N MET A 327 -6.53 13.81 19.03
CA MET A 327 -5.44 14.22 18.15
C MET A 327 -4.18 14.57 18.92
N ASP A 328 -4.31 15.18 20.11
CA ASP A 328 -3.17 15.38 21.00
C ASP A 328 -2.43 14.08 21.28
N ALA A 329 -3.18 12.98 21.40
CA ALA A 329 -2.58 11.66 21.55
C ALA A 329 -2.15 11.05 20.22
N SER A 330 -2.07 11.85 19.15
CA SER A 330 -1.62 11.41 17.83
C SER A 330 -2.54 10.36 17.22
N ILE A 331 -3.80 10.36 17.59
CA ILE A 331 -4.80 9.52 16.93
C ILE A 331 -5.43 10.34 15.81
N ARG A 332 -5.59 9.72 14.64
CA ARG A 332 -6.26 10.37 13.52
C ARG A 332 -7.78 10.29 13.73
N ALA A 333 -8.27 11.17 14.57
CA ALA A 333 -9.70 11.27 14.84
C ALA A 333 -10.29 12.41 14.00
N GLU A 334 -11.53 12.23 13.58
CA GLU A 334 -12.27 13.30 12.95
C GLU A 334 -13.69 13.28 13.44
N LEU A 335 -14.31 14.45 13.37
CA LEU A 335 -15.64 14.72 13.87
C LEU A 335 -16.57 14.88 12.67
N ASP A 336 -17.69 14.17 12.67
CA ASP A 336 -18.70 14.31 11.61
C ASP A 336 -19.95 14.96 12.21
N ILE A 337 -19.99 16.30 12.18
CA ILE A 337 -21.12 17.02 12.74
C ILE A 337 -21.94 17.67 11.64
N ARG A 338 -21.96 17.05 10.46
CA ARG A 338 -22.90 17.48 9.42
C ARG A 338 -24.33 17.26 9.92
N ASP A 339 -25.17 18.27 9.76
CA ASP A 339 -26.53 18.17 10.26
C ASP A 339 -27.56 17.93 9.17
N HIS A 340 -27.16 17.96 7.90
CA HIS A 340 -28.11 17.69 6.83
C HIS A 340 -28.27 16.20 6.56
N ILE A 341 -27.62 15.36 7.35
CA ILE A 341 -27.61 13.92 7.13
C ILE A 341 -27.73 13.24 8.49
N SER A 342 -28.44 12.10 8.50
CA SER A 342 -28.80 11.41 9.74
C SER A 342 -27.64 10.64 10.35
N PRO A 343 -27.70 10.37 11.66
CA PRO A 343 -26.66 9.51 12.26
C PRO A 343 -26.57 8.14 11.59
N GLY A 344 -27.71 7.53 11.28
CA GLY A 344 -27.70 6.24 10.62
C GLY A 344 -26.98 6.24 9.29
N TRP A 345 -27.13 7.34 8.53
CA TRP A 345 -26.37 7.45 7.29
C TRP A 345 -24.88 7.54 7.58
N LYS A 346 -24.50 8.32 8.59
CA LYS A 346 -23.09 8.40 8.97
C LYS A 346 -22.54 7.04 9.37
N PHE A 347 -23.29 6.27 10.18
CA PHE A 347 -22.81 4.93 10.58
C PHE A 347 -22.48 4.11 9.35
N ASN A 348 -23.39 4.13 8.37
CA ASN A 348 -23.28 3.30 7.18
C ASN A 348 -22.15 3.77 6.27
N HIS A 349 -22.04 5.08 6.07
CA HIS A 349 -20.98 5.64 5.23
C HIS A 349 -19.60 5.28 5.76
N TRP A 350 -19.36 5.51 7.07
CA TRP A 350 -18.03 5.25 7.60
C TRP A 350 -17.78 3.75 7.82
N GLU A 351 -18.83 2.94 7.94
CA GLU A 351 -18.64 1.50 7.93
C GLU A 351 -18.20 1.01 6.56
N LEU A 352 -18.92 1.41 5.50
CA LEU A 352 -18.56 1.04 4.13
C LEU A 352 -17.11 1.42 3.84
N LYS A 353 -16.66 2.54 4.38
CA LYS A 353 -15.31 3.02 4.16
C LYS A 353 -14.32 2.45 5.15
N GLY A 354 -14.78 1.65 6.12
CA GLY A 354 -13.88 0.90 6.95
C GLY A 354 -13.21 1.63 8.09
N VAL A 355 -13.79 2.74 8.58
CA VAL A 355 -13.12 3.43 9.69
C VAL A 355 -13.02 2.47 10.88
N PRO A 356 -11.82 2.28 11.44
CA PRO A 356 -11.65 1.23 12.48
C PRO A 356 -12.60 1.35 13.66
N VAL A 357 -12.88 2.56 14.11
CA VAL A 357 -13.73 2.76 15.28
C VAL A 357 -14.64 3.96 15.05
N ARG A 358 -15.92 3.77 15.31
CA ARG A 358 -16.88 4.85 15.46
C ARG A 358 -17.08 5.17 16.94
N ILE A 359 -16.98 6.45 17.30
CA ILE A 359 -17.24 6.93 18.66
C ILE A 359 -18.58 7.65 18.63
N GLU A 360 -19.58 7.06 19.28
CA GLU A 360 -20.92 7.65 19.37
C GLU A 360 -21.04 8.40 20.68
N ILE A 361 -21.52 9.63 20.63
CA ILE A 361 -21.80 10.38 21.85
C ILE A 361 -23.19 10.99 21.74
N GLY A 362 -24.06 10.62 22.68
CA GLY A 362 -25.37 11.19 22.77
C GLY A 362 -25.65 11.74 24.16
N PRO A 363 -26.87 12.23 24.37
CA PRO A 363 -27.21 12.79 25.69
C PRO A 363 -27.09 11.80 26.85
N LYS A 364 -27.52 10.55 26.66
CA LYS A 364 -27.44 9.57 27.74
C LYS A 364 -25.99 9.32 28.14
N ASP A 365 -25.12 9.10 27.16
CA ASP A 365 -23.70 8.91 27.46
C ASP A 365 -23.06 10.16 28.03
N LEU A 366 -23.41 11.33 27.47
CA LEU A 366 -22.87 12.60 27.96
C LEU A 366 -23.10 12.75 29.46
N ALA A 367 -24.29 12.36 29.94
CA ALA A 367 -24.62 12.53 31.35
C ALA A 367 -23.85 11.56 32.23
N ASN A 368 -23.42 10.43 31.69
CA ASN A 368 -22.58 9.48 32.40
C ASN A 368 -21.10 9.69 32.09
N ASN A 369 -20.73 10.83 31.51
CA ASN A 369 -19.35 11.16 31.15
C ASN A 369 -18.65 9.98 30.49
N GLN A 370 -19.32 9.41 29.48
CA GLN A 370 -18.77 8.28 28.76
C GLN A 370 -19.11 8.42 27.28
N VAL A 371 -18.48 7.58 26.46
CA VAL A 371 -18.81 7.43 25.05
C VAL A 371 -19.06 5.94 24.78
N THR A 372 -19.63 5.68 23.60
CA THR A 372 -19.80 4.32 23.11
C THR A 372 -18.94 4.15 21.86
N CYS A 373 -17.96 3.24 21.92
CA CYS A 373 -17.12 2.92 20.78
C CYS A 373 -17.65 1.67 20.08
N VAL A 374 -17.74 1.73 18.76
CA VAL A 374 -18.19 0.59 17.96
C VAL A 374 -17.03 0.17 17.07
N ILE A 375 -16.50 -1.04 17.33
CA ILE A 375 -15.32 -1.53 16.61
C ILE A 375 -15.77 -2.16 15.29
N ARG A 376 -15.19 -1.66 14.20
CA ARG A 376 -15.71 -1.98 12.87
C ARG A 376 -15.46 -3.43 12.48
N TYR A 377 -14.25 -3.96 12.72
CA TYR A 377 -13.95 -5.29 12.20
C TYR A 377 -14.79 -6.37 12.88
N SER A 378 -15.27 -6.10 14.10
CA SER A 378 -15.99 -7.11 14.86
C SER A 378 -17.43 -6.76 15.20
N GLY A 379 -17.80 -5.48 15.14
CA GLY A 379 -19.12 -5.05 15.58
C GLY A 379 -19.26 -4.86 17.08
N GLU A 380 -18.22 -5.13 17.86
CA GLU A 380 -18.33 -4.99 19.31
C GLU A 380 -18.55 -3.54 19.70
N LYS A 381 -19.43 -3.33 20.68
CA LYS A 381 -19.73 -2.02 21.24
C LYS A 381 -19.15 -1.96 22.65
N ARG A 382 -18.40 -0.91 22.95
CA ARG A 382 -17.75 -0.75 24.23
C ARG A 382 -18.04 0.62 24.79
N THR A 383 -18.53 0.66 26.03
CA THR A 383 -18.79 1.91 26.71
C THR A 383 -17.58 2.27 27.56
N ILE A 384 -17.06 3.48 27.37
CA ILE A 384 -15.77 3.89 27.93
C ILE A 384 -15.89 5.26 28.58
N PRO A 385 -15.36 5.44 29.78
CA PRO A 385 -15.39 6.78 30.39
C PRO A 385 -14.55 7.77 29.60
N ILE A 386 -14.97 9.04 29.65
CA ILE A 386 -14.24 10.08 28.94
C ILE A 386 -12.92 10.42 29.62
N ASP A 387 -12.76 10.07 30.91
CA ASP A 387 -11.59 10.44 31.69
C ASP A 387 -10.31 10.01 31.00
N GLY A 388 -10.02 8.71 31.01
CA GLY A 388 -8.80 8.23 30.38
C GLY A 388 -9.02 7.77 28.95
N LEU A 389 -9.84 8.51 28.20
CA LEU A 389 -10.32 8.01 26.91
C LEU A 389 -9.19 7.87 25.89
N ALA A 390 -8.41 8.94 25.71
CA ALA A 390 -7.41 8.95 24.64
C ALA A 390 -6.45 7.77 24.76
N SER A 391 -5.94 7.53 25.97
CA SER A 391 -5.06 6.38 26.18
C SER A 391 -5.79 5.06 25.91
N LYS A 392 -7.05 4.97 26.31
CA LYS A 392 -7.82 3.75 26.03
C LYS A 392 -8.00 3.54 24.53
N CYS A 393 -8.11 4.64 23.76
CA CYS A 393 -8.28 4.53 22.32
C CYS A 393 -6.99 4.14 21.62
N LYS A 394 -5.83 4.63 22.11
CA LYS A 394 -4.56 4.18 21.55
C LYS A 394 -4.44 2.67 21.68
N ASP A 395 -4.72 2.16 22.88
CA ASP A 395 -4.70 0.72 23.10
C ASP A 395 -5.65 0.00 22.16
N MET A 396 -6.86 0.54 22.01
CA MET A 396 -7.87 -0.13 21.20
C MET A 396 -7.43 -0.26 19.76
N LEU A 397 -6.76 0.76 19.22
CA LEU A 397 -6.30 0.69 17.84
C LEU A 397 -5.20 -0.35 17.67
N GLU A 398 -4.35 -0.52 18.67
CA GLU A 398 -3.39 -1.63 18.67
C GLU A 398 -4.12 -2.97 18.75
N GLU A 399 -5.05 -3.09 19.70
CA GLU A 399 -5.82 -4.32 19.83
C GLU A 399 -6.44 -4.74 18.50
N ILE A 400 -7.04 -3.78 17.78
CA ILE A 400 -7.69 -4.08 16.51
C ILE A 400 -6.67 -4.59 15.49
N HIS A 401 -5.52 -3.93 15.40
CA HIS A 401 -4.50 -4.36 14.45
C HIS A 401 -4.10 -5.82 14.67
N TYR A 402 -3.74 -6.17 15.91
CA TYR A 402 -3.30 -7.53 16.16
C TYR A 402 -4.44 -8.53 16.04
N SER A 403 -5.67 -8.13 16.38
CA SER A 403 -6.79 -9.06 16.25
C SER A 403 -7.08 -9.35 14.79
N MET A 404 -7.05 -8.30 13.95
CA MET A 404 -7.21 -8.50 12.51
C MET A 404 -6.16 -9.47 11.99
N TYR A 405 -4.91 -9.27 12.38
CA TYR A 405 -3.82 -10.14 11.94
C TYR A 405 -4.06 -11.58 12.39
N ASN A 406 -4.32 -11.78 13.69
CA ASN A 406 -4.44 -13.14 14.21
C ASN A 406 -5.64 -13.87 13.64
N ARG A 407 -6.70 -13.15 13.28
CA ARG A 407 -7.87 -13.80 12.69
C ARG A 407 -7.54 -14.39 11.31
N ILE A 408 -6.80 -13.65 10.48
CA ILE A 408 -6.38 -14.19 9.19
C ILE A 408 -5.37 -15.29 9.38
N LEU A 409 -4.45 -15.12 10.34
CA LEU A 409 -3.42 -16.14 10.56
C LEU A 409 -4.06 -17.45 10.99
N GLU A 410 -5.12 -17.38 11.78
CA GLU A 410 -5.81 -18.58 12.21
C GLU A 410 -6.52 -19.27 11.05
N VAL A 411 -7.07 -18.48 10.14
CA VAL A 411 -7.68 -19.02 8.93
C VAL A 411 -6.63 -19.71 8.06
N ARG A 412 -5.46 -19.05 7.88
CA ARG A 412 -4.41 -19.65 7.04
C ARG A 412 -3.83 -20.90 7.68
N GLU A 413 -3.54 -20.86 8.98
CA GLU A 413 -2.99 -22.04 9.66
C GLU A 413 -4.01 -23.16 9.80
N SER A 414 -5.27 -22.94 9.42
CA SER A 414 -6.27 -23.99 9.34
C SER A 414 -6.27 -24.68 7.98
N HIS A 415 -6.33 -23.89 6.91
CA HIS A 415 -6.33 -24.45 5.56
C HIS A 415 -5.03 -25.20 5.26
N THR A 416 -3.91 -24.68 5.73
CA THR A 416 -2.59 -25.25 5.47
C THR A 416 -2.42 -26.64 6.08
MG MG B . 33.66 1.26 -14.52
MG MG C . 3.89 -9.35 -14.49
O4' HFG D . 10.46 -5.69 -13.20
C21 HFG D . 11.04 -6.73 -13.05
C3' HFG D . 12.25 -6.86 -12.15
C2' HFG D . 12.27 -5.88 -10.97
N1' HFG D . 12.38 -4.48 -11.40
C6' HFG D . 12.58 -3.55 -10.29
C5' HFG D . 11.46 -3.62 -9.25
C4' HFG D . 11.20 -5.08 -8.85
C39 HFG D . 11.04 -5.95 -10.07
O7' HFG D . 10.78 -7.30 -9.67
C1' HFG D . 10.62 -8.01 -13.81
N3 HFG D . 9.83 -7.70 -15.01
C4 HFG D . 10.50 -7.18 -16.11
O11 HFG D . 11.71 -7.01 -16.10
C10 HFG D . 9.64 -6.85 -17.24
C5 HFG D . 10.18 -6.33 -18.40
C2 HFG D . 8.48 -7.87 -15.00
N1 HFG D . 7.68 -7.57 -15.96
C9 HFG D . 8.26 -7.06 -17.11
C8 HFG D . 7.43 -6.68 -18.16
C7 HFG D . 7.98 -6.11 -19.30
BR1 HFG D . 6.79 -5.41 -20.62
C6 HFG D . 9.34 -5.97 -19.44
CL1 HFG D . 10.07 -5.42 -20.92
PG ANP E . 3.08 -10.89 -11.76
O1G ANP E . 3.40 -12.41 -12.11
O2G ANP E . 1.87 -10.77 -10.76
O3G ANP E . 2.72 -10.21 -12.99
PB ANP E . 5.74 -9.62 -11.73
O1B ANP E . 6.83 -10.57 -11.80
O2B ANP E . 5.40 -9.17 -13.18
N3B ANP E . 4.40 -10.24 -11.06
PA ANP E . 7.45 -7.46 -10.69
O1A ANP E . 8.46 -8.27 -9.88
O2A ANP E . 8.03 -7.12 -12.01
O3A ANP E . 6.13 -8.34 -10.89
O5' ANP E . 7.00 -6.15 -9.84
C5' ANP E . 7.14 -5.97 -8.42
C4' ANP E . 5.79 -6.10 -7.76
O4' ANP E . 4.83 -5.23 -8.41
C3' ANP E . 5.16 -7.49 -7.84
O3' ANP E . 5.64 -8.29 -6.76
C2' ANP E . 3.66 -7.19 -7.68
O2' ANP E . 3.24 -7.20 -6.32
C1' ANP E . 3.54 -5.77 -8.29
N9 ANP E . 2.91 -5.76 -9.61
C8 ANP E . 3.34 -6.40 -10.74
N7 ANP E . 2.57 -6.22 -11.77
C5 ANP E . 1.54 -5.42 -11.31
C6 ANP E . 0.40 -4.87 -11.91
N6 ANP E . 0.12 -5.00 -13.22
N1 ANP E . -0.42 -4.12 -11.16
C2 ANP E . -0.11 -3.91 -9.87
N3 ANP E . 0.95 -4.37 -9.18
C4 ANP E . 1.74 -5.13 -9.96
P AMP F . 7.41 -7.59 -10.63
O1P AMP F . 8.52 -8.17 -9.84
O2P AMP F . 6.12 -8.43 -10.83
O3P AMP F . 7.85 -7.14 -12.03
O5' AMP F . 6.95 -6.25 -9.88
C5' AMP F . 7.10 -6.09 -8.49
C4' AMP F . 5.78 -6.17 -7.77
O4' AMP F . 4.83 -5.24 -8.35
C3' AMP F . 5.08 -7.52 -7.85
O3' AMP F . 5.58 -8.44 -6.90
C2' AMP F . 3.61 -7.16 -7.65
O2' AMP F . 3.28 -7.09 -6.27
C1' AMP F . 3.52 -5.76 -8.25
N9 AMP F . 2.90 -5.75 -9.59
C8 AMP F . 3.35 -6.40 -10.72
N7 AMP F . 2.57 -6.24 -11.76
C5 AMP F . 1.55 -5.42 -11.30
C6 AMP F . 0.41 -4.87 -11.91
N6 AMP F . 0.13 -5.01 -13.22
N1 AMP F . -0.42 -4.12 -11.16
C2 AMP F . -0.11 -3.92 -9.87
N3 AMP F . 0.94 -4.37 -9.18
C4 AMP F . 1.74 -5.12 -9.95
P1 2PN G . 3.06 -10.81 -11.68
O1 2PN G . 4.21 -10.02 -11.12
O2 2PN G . 2.70 -10.24 -13.04
O3 2PN G . 1.86 -10.73 -10.77
N1 2PN G . 3.58 -12.42 -11.85
P2 2PN G . 2.64 -13.62 -12.59
O4 2PN G . 3.15 -14.98 -12.16
O5 2PN G . 1.19 -13.49 -12.18
O6 2PN G . 2.74 -13.47 -14.08
N GLY H . -13.76 15.27 8.87
CA GLY H . -15.14 15.71 8.70
C GLY H . -15.84 14.97 7.58
O GLY H . -15.21 14.63 6.58
OXT GLY H . -17.03 14.70 7.66
N GLY I . -15.70 13.35 -3.19
CA GLY I . -14.60 13.50 -4.13
C GLY I . -13.39 12.71 -3.69
O GLY I . -12.75 12.03 -4.49
OXT GLY I . -13.04 12.73 -2.51
N GLY J . -19.65 -6.75 11.96
CA GLY J . -18.84 -7.80 11.39
C GLY J . -19.36 -8.30 10.06
O GLY J . -18.98 -9.37 9.58
OXT GLY J . -20.19 -7.65 9.42
N SER K . -3.07 11.13 -32.88
CA SER K . -1.91 11.48 -33.67
C SER K . -2.03 12.93 -34.15
O SER K . -1.10 13.51 -34.71
CB SER K . -1.75 10.52 -34.84
OG SER K . -1.60 9.18 -34.41
OXT SER K . -3.08 13.55 -34.00
N SER L . 4.81 1.00 14.78
CA SER L . 4.93 0.09 13.64
C SER L . 6.33 0.14 13.02
O SER L . 6.83 -0.87 12.53
CB SER L . 3.87 0.41 12.58
OG SER L . 4.08 1.69 11.99
OXT SER L . 6.99 1.19 12.98
#